data_6QJX
#
_entry.id   6QJX
#
_cell.length_a   67.810
_cell.length_b   67.810
_cell.length_c   180.160
_cell.angle_alpha   90.00
_cell.angle_beta   90.00
_cell.angle_gamma   90.00
#
_symmetry.space_group_name_H-M   'I 41 2 2'
#
loop_
_entity.id
_entity.type
_entity.pdbx_description
1 polymer 'Tetracycline repressor protein class D'
2 non-polymer '(4S,4AS,5AR,12AS)-4,7-BIS(DIMETHYLAMINO)-3,10,12,12A-TETRAHYDROXY-1,11-DIOXO-1,4,4A,5,5A,6,11,12A-OCTAHYDROTETRACENE-2- CARBOXAMIDE'
3 non-polymer 'MAGNESIUM ION'
4 non-polymer 'CHLORIDE ION'
5 water water
#
_entity_poly.entity_id   1
_entity_poly.type   'polypeptide(L)'
_entity_poly.pdbx_seq_one_letter_code
;SRLNRESVIDAALELLNETGIDGLTTRKLAQKLGIEQPTLYWHVKNKRALLDALAVEILARHHDYSLPAAGESWQSFLRN
NAMSFRRALLRYRDGAKVHLGARPDEKQYDTVETQLRFMTENGFSLRDGLYAISAVSHFTLGAVLEQQEHTAALTDRPAA
PDENLPPLLREALQIMDSDDGEQAFLHGLESLIRGFEVQLTALLQIV
;
_entity_poly.pdbx_strand_id   A
#
loop_
_chem_comp.id
_chem_comp.type
_chem_comp.name
_chem_comp.formula
CL non-polymer 'CHLORIDE ION' 'Cl -1'
MG non-polymer 'MAGNESIUM ION' 'Mg 2'
MIY non-polymer '(4S,4AS,5AR,12AS)-4,7-BIS(DIMETHYLAMINO)-3,10,12,12A-TETRAHYDROXY-1,11-DIOXO-1,4,4A,5,5A,6,11,12A-OCTAHYDROTETRACENE-2- CARBOXAMIDE' 'C23 H27 N3 O7'
#
# COMPACT_ATOMS: atom_id res chain seq x y z
N SER A 1 16.36 16.12 19.96
CA SER A 1 16.45 16.31 18.46
C SER A 1 15.40 17.31 17.98
N ARG A 2 15.30 17.55 16.67
CA ARG A 2 14.23 18.42 16.12
C ARG A 2 12.89 17.67 16.23
N LEU A 3 11.81 18.38 16.49
CA LEU A 3 10.47 17.76 16.68
C LEU A 3 9.49 18.39 15.70
N ASN A 4 9.97 19.00 14.62
CA ASN A 4 9.09 19.34 13.46
C ASN A 4 8.55 18.01 12.91
N ARG A 5 7.40 18.08 12.24
CA ARG A 5 6.66 16.94 11.66
C ARG A 5 7.63 15.98 10.95
N GLU A 6 8.47 16.48 10.06
CA GLU A 6 9.28 15.63 9.13
C GLU A 6 10.23 14.74 9.95
N SER A 7 10.87 15.37 10.96
CA SER A 7 11.86 14.77 11.90
C SER A 7 11.15 13.72 12.77
N VAL A 8 9.93 14.00 13.26
CA VAL A 8 9.17 13.06 14.14
C VAL A 8 8.91 11.78 13.32
N ILE A 9 8.46 11.93 12.08
CA ILE A 9 8.14 10.84 11.12
C ILE A 9 9.42 10.10 10.73
N ASP A 10 10.49 10.80 10.38
CA ASP A 10 11.76 10.10 10.07
C ASP A 10 12.05 9.11 11.19
N ALA A 11 11.93 9.54 12.43
CA ALA A 11 12.35 8.77 13.61
C ALA A 11 11.32 7.65 13.82
N ALA A 12 10.05 7.94 13.62
CA ALA A 12 8.96 6.91 13.78
C ALA A 12 9.15 5.78 12.73
N LEU A 13 9.46 6.12 11.49
CA LEU A 13 9.68 5.10 10.44
C LEU A 13 10.91 4.25 10.82
N GLU A 14 12.00 4.91 11.20
CA GLU A 14 13.29 4.28 11.60
C GLU A 14 12.98 3.32 12.74
N LEU A 15 12.09 3.71 13.65
CA LEU A 15 11.67 2.89 14.82
C LEU A 15 10.84 1.72 14.31
N LEU A 16 9.94 1.99 13.37
CA LEU A 16 9.03 0.93 12.86
C LEU A 16 9.86 -0.22 12.25
N ASN A 17 10.99 0.11 11.61
CA ASN A 17 11.89 -0.88 10.98
C ASN A 17 12.62 -1.62 12.09
N GLU A 18 12.85 -0.99 13.25
CA GLU A 18 13.46 -1.64 14.44
C GLU A 18 12.48 -2.56 15.17
N THR A 19 11.24 -2.14 15.36
CA THR A 19 10.27 -2.80 16.28
C THR A 19 9.16 -3.54 15.54
N GLY A 20 8.83 -3.16 14.31
CA GLY A 20 7.52 -3.44 13.68
C GLY A 20 6.38 -2.68 14.37
N ILE A 21 5.18 -2.83 13.84
CA ILE A 21 3.97 -2.04 14.22
C ILE A 21 3.53 -2.38 15.65
N ASP A 22 3.61 -3.65 16.04
CA ASP A 22 3.11 -4.13 17.35
C ASP A 22 3.97 -3.54 18.45
N GLY A 23 5.26 -3.38 18.19
CA GLY A 23 6.22 -2.86 19.18
C GLY A 23 6.37 -1.36 19.10
N LEU A 24 5.99 -0.74 17.99
CA LEU A 24 6.06 0.73 17.92
C LEU A 24 5.14 1.31 18.99
N THR A 25 5.71 1.98 20.01
CA THR A 25 4.97 2.79 21.00
C THR A 25 5.53 4.22 21.02
N THR A 26 4.72 5.16 21.50
CA THR A 26 5.11 6.57 21.74
C THR A 26 6.23 6.63 22.78
N ARG A 27 6.14 5.79 23.78
CA ARG A 27 7.20 5.71 24.82
C ARG A 27 8.57 5.46 24.15
N LYS A 28 8.61 4.59 23.17
CA LYS A 28 9.88 4.13 22.54
C LYS A 28 10.31 5.18 21.53
N LEU A 29 9.34 5.80 20.89
CA LEU A 29 9.60 6.94 20.00
C LEU A 29 10.26 8.08 20.79
N ALA A 30 9.71 8.44 21.96
CA ALA A 30 10.30 9.41 22.91
C ALA A 30 11.77 9.05 23.27
N GLN A 31 12.04 7.82 23.63
CA GLN A 31 13.42 7.38 23.98
C GLN A 31 14.24 7.62 22.71
N LYS A 32 13.81 7.10 21.58
CA LYS A 32 14.57 7.29 20.31
C LYS A 32 14.85 8.78 20.09
N LEU A 33 13.93 9.66 20.42
CA LEU A 33 14.17 11.07 20.09
C LEU A 33 14.99 11.76 21.20
N GLY A 34 15.28 11.05 22.31
CA GLY A 34 15.92 11.61 23.53
C GLY A 34 15.03 12.64 24.23
N ILE A 35 13.73 12.43 24.27
CA ILE A 35 12.81 13.41 24.89
C ILE A 35 11.90 12.69 25.86
N GLU A 36 11.29 13.45 26.76
CA GLU A 36 10.38 12.90 27.77
C GLU A 36 9.05 12.64 27.06
N GLN A 37 8.30 11.68 27.60
CA GLN A 37 6.98 11.37 27.04
C GLN A 37 6.12 12.63 26.93
N PRO A 38 5.93 13.46 27.94
CA PRO A 38 5.07 14.64 27.77
C PRO A 38 5.55 15.66 26.71
N THR A 39 6.82 15.69 26.35
CA THR A 39 7.30 16.57 25.24
C THR A 39 6.75 16.01 23.92
N LEU A 40 6.94 14.69 23.69
CA LEU A 40 6.42 13.96 22.50
C LEU A 40 4.92 14.23 22.37
N TYR A 41 4.16 14.16 23.47
CA TYR A 41 2.66 14.28 23.47
C TYR A 41 2.22 15.66 22.91
N TRP A 42 3.08 16.68 23.06
CA TRP A 42 2.76 18.01 22.49
C TRP A 42 2.66 17.83 20.98
N HIS A 43 3.54 16.96 20.46
CA HIS A 43 3.83 16.77 19.02
C HIS A 43 2.90 15.70 18.45
N VAL A 44 2.72 14.59 19.16
CA VAL A 44 2.05 13.33 18.70
C VAL A 44 1.09 12.86 19.80
N LYS A 45 -0.18 13.01 19.60
CA LYS A 45 -1.19 12.76 20.67
C LYS A 45 -1.18 11.29 21.03
N ASN A 46 -1.15 10.35 20.06
CA ASN A 46 -1.10 8.88 20.36
C ASN A 46 -0.51 8.07 19.19
N LYS A 47 -0.56 6.73 19.32
CA LYS A 47 -0.06 5.77 18.30
C LYS A 47 -0.96 5.85 17.07
N ARG A 48 -2.28 5.91 17.23
CA ARG A 48 -3.24 6.01 16.08
C ARG A 48 -2.96 7.27 15.26
N ALA A 49 -2.75 8.40 15.91
CA ALA A 49 -2.35 9.68 15.23
C ALA A 49 -1.03 9.44 14.51
N LEU A 50 -0.08 8.79 15.18
CA LEU A 50 1.26 8.50 14.62
C LEU A 50 1.09 7.63 13.38
N LEU A 51 0.29 6.57 13.46
CA LEU A 51 0.15 5.62 12.34
C LEU A 51 -0.53 6.30 11.16
N ASP A 52 -1.63 7.02 11.44
CA ASP A 52 -2.38 7.84 10.44
C ASP A 52 -1.34 8.58 9.59
N ALA A 53 -0.38 9.24 10.23
CA ALA A 53 0.60 10.12 9.56
C ALA A 53 1.63 9.28 8.79
N LEU A 54 2.15 8.18 9.38
CA LEU A 54 3.14 7.31 8.67
C LEU A 54 2.53 6.79 7.36
N ALA A 55 1.31 6.27 7.43
CA ALA A 55 0.64 5.67 6.26
C ALA A 55 0.70 6.68 5.11
N VAL A 56 0.32 7.92 5.37
CA VAL A 56 0.32 8.98 4.33
C VAL A 56 1.76 9.29 3.92
N GLU A 57 2.69 9.40 4.84
CA GLU A 57 4.06 9.86 4.51
C GLU A 57 4.79 8.80 3.70
N ILE A 58 4.46 7.53 3.98
CA ILE A 58 5.08 6.40 3.25
C ILE A 58 4.70 6.57 1.79
N LEU A 59 3.44 6.91 1.49
CA LEU A 59 2.96 6.99 0.08
C LEU A 59 3.50 8.28 -0.56
N ALA A 60 3.39 9.40 0.15
CA ALA A 60 3.94 10.69 -0.33
C ALA A 60 5.43 10.50 -0.66
N ARG A 61 6.16 9.72 0.15
CA ARG A 61 7.64 9.61 -0.01
C ARG A 61 8.00 8.61 -1.09
N HIS A 62 7.29 7.49 -1.24
CA HIS A 62 7.86 6.39 -2.06
C HIS A 62 6.89 5.87 -3.12
N HIS A 63 5.65 6.34 -3.14
CA HIS A 63 4.63 5.88 -4.11
C HIS A 63 4.61 6.85 -5.27
N ASP A 64 5.49 6.61 -6.24
CA ASP A 64 5.84 7.51 -7.37
C ASP A 64 4.78 7.52 -8.49
N TYR A 65 3.90 6.50 -8.58
CA TYR A 65 2.99 6.29 -9.73
C TYR A 65 1.54 6.33 -9.21
N SER A 66 1.21 7.42 -8.52
CA SER A 66 -0.14 7.78 -8.01
C SER A 66 -1.05 8.14 -9.19
N LEU A 67 -0.45 8.77 -10.20
CA LEU A 67 -1.13 9.48 -11.30
C LEU A 67 -0.63 8.90 -12.60
N PRO A 68 -1.42 8.90 -13.69
CA PRO A 68 -0.99 8.28 -14.93
C PRO A 68 -0.23 9.29 -15.79
N ALA A 69 0.61 8.75 -16.67
CA ALA A 69 1.34 9.52 -17.68
C ALA A 69 0.33 10.04 -18.71
N ALA A 70 0.66 11.14 -19.38
CA ALA A 70 -0.11 11.66 -20.54
C ALA A 70 -0.17 10.55 -21.57
N GLY A 71 -1.36 10.14 -21.98
CA GLY A 71 -1.53 9.18 -23.09
C GLY A 71 -1.57 7.74 -22.60
N GLU A 72 -1.18 7.45 -21.35
CA GLU A 72 -1.16 6.05 -20.82
C GLU A 72 -2.55 5.43 -20.86
N SER A 73 -2.63 4.15 -21.18
CA SER A 73 -3.88 3.34 -21.10
C SER A 73 -4.24 3.08 -19.64
N TRP A 74 -5.50 2.69 -19.38
CA TRP A 74 -5.92 2.31 -18.00
C TRP A 74 -5.36 0.93 -17.60
N GLN A 75 -5.13 0.05 -18.58
CA GLN A 75 -4.41 -1.25 -18.36
C GLN A 75 -3.04 -0.88 -17.77
N SER A 76 -2.25 -0.11 -18.50
CA SER A 76 -0.87 0.21 -18.08
C SER A 76 -0.82 1.06 -16.81
N PHE A 77 -1.75 2.00 -16.62
CA PHE A 77 -1.77 2.79 -15.39
C PHE A 77 -2.07 1.87 -14.21
N LEU A 78 -3.10 1.04 -14.25
CA LEU A 78 -3.38 0.16 -13.09
C LEU A 78 -2.16 -0.75 -12.83
N ARG A 79 -1.43 -1.13 -13.88
CA ARG A 79 -0.24 -2.02 -13.74
C ARG A 79 0.81 -1.30 -12.91
N ASN A 80 1.25 -0.14 -13.42
CA ASN A 80 2.28 0.76 -12.86
C ASN A 80 1.88 1.23 -11.46
N ASN A 81 0.64 1.65 -11.32
CA ASN A 81 0.06 2.12 -10.05
C ASN A 81 0.16 0.99 -9.02
N ALA A 82 -0.20 -0.23 -9.38
CA ALA A 82 -0.22 -1.34 -8.40
C ALA A 82 1.22 -1.68 -8.03
N MET A 83 2.13 -1.60 -9.00
CA MET A 83 3.53 -1.95 -8.76
C MET A 83 4.13 -0.92 -7.79
N SER A 84 3.77 0.37 -7.95
CA SER A 84 4.29 1.50 -7.13
C SER A 84 3.80 1.36 -5.70
N PHE A 85 2.55 0.95 -5.57
CA PHE A 85 1.89 0.73 -4.26
C PHE A 85 2.59 -0.42 -3.51
N ARG A 86 2.78 -1.54 -4.20
CA ARG A 86 3.41 -2.74 -3.61
C ARG A 86 4.77 -2.34 -3.10
N ARG A 87 5.60 -1.71 -3.92
CA ARG A 87 6.97 -1.31 -3.54
C ARG A 87 6.92 -0.37 -2.34
N ALA A 88 6.08 0.66 -2.35
CA ALA A 88 6.04 1.63 -1.26
C ALA A 88 5.59 0.88 0.01
N LEU A 89 4.62 -0.02 -0.08
CA LEU A 89 4.16 -0.79 1.11
C LEU A 89 5.27 -1.72 1.64
N LEU A 90 6.12 -2.25 0.79
CA LEU A 90 7.22 -3.17 1.24
C LEU A 90 8.44 -2.42 1.80
N ARG A 91 8.52 -1.11 1.62
CA ARG A 91 9.78 -0.40 1.93
C ARG A 91 10.03 -0.30 3.44
N TYR A 92 9.01 -0.56 4.28
CA TYR A 92 9.05 -0.45 5.76
C TYR A 92 8.35 -1.66 6.32
N ARG A 93 8.91 -2.20 7.39
CA ARG A 93 8.42 -3.38 8.11
C ARG A 93 6.96 -3.12 8.50
N ASP A 94 6.08 -4.11 8.29
CA ASP A 94 4.62 -4.04 8.56
C ASP A 94 4.02 -2.82 7.85
N GLY A 95 4.58 -2.44 6.69
CA GLY A 95 4.11 -1.33 5.84
C GLY A 95 2.65 -1.47 5.48
N ALA A 96 2.21 -2.67 5.14
CA ALA A 96 0.81 -2.92 4.71
C ALA A 96 -0.12 -2.83 5.92
N LYS A 97 0.33 -3.21 7.10
CA LYS A 97 -0.49 -3.04 8.33
C LYS A 97 -0.61 -1.56 8.69
N VAL A 98 0.45 -0.78 8.45
CA VAL A 98 0.41 0.67 8.74
C VAL A 98 -0.54 1.30 7.74
N HIS A 99 -0.45 0.89 6.47
CA HIS A 99 -1.45 1.30 5.46
C HIS A 99 -2.87 0.92 5.90
N LEU A 100 -3.15 -0.34 6.15
CA LEU A 100 -4.53 -0.84 6.44
C LEU A 100 -5.18 0.02 7.54
N GLY A 101 -4.45 0.40 8.58
CA GLY A 101 -5.03 0.93 9.82
C GLY A 101 -5.48 2.37 9.66
N ALA A 102 -5.17 3.01 8.53
CA ALA A 102 -5.15 4.47 8.39
C ALA A 102 -6.38 4.93 7.61
N ARG A 103 -6.52 6.24 7.37
CA ARG A 103 -7.71 6.94 6.82
C ARG A 103 -7.42 7.56 5.45
N PRO A 104 -7.92 7.03 4.29
CA PRO A 104 -7.61 7.64 3.00
C PRO A 104 -7.78 9.17 3.11
N ASP A 105 -6.68 9.91 3.37
CA ASP A 105 -6.69 11.25 4.03
C ASP A 105 -6.87 12.42 3.04
N GLU A 106 -7.35 13.57 3.55
CA GLU A 106 -7.73 14.76 2.75
C GLU A 106 -6.67 15.04 1.68
N LYS A 107 -5.40 14.96 2.09
CA LYS A 107 -4.17 15.21 1.27
C LYS A 107 -4.02 14.22 0.11
N GLN A 108 -4.64 13.05 0.15
CA GLN A 108 -4.57 12.08 -0.97
C GLN A 108 -5.92 12.05 -1.71
N TYR A 109 -6.94 12.78 -1.23
CA TYR A 109 -8.33 12.83 -1.76
C TYR A 109 -8.36 13.08 -3.28
N ASP A 110 -7.49 14.00 -3.68
CA ASP A 110 -7.32 14.54 -5.06
C ASP A 110 -6.55 13.53 -5.92
N THR A 111 -5.59 12.82 -5.32
CA THR A 111 -4.94 11.66 -5.99
C THR A 111 -6.04 10.64 -6.35
N VAL A 112 -6.74 10.08 -5.36
CA VAL A 112 -7.78 9.03 -5.59
C VAL A 112 -8.90 9.59 -6.45
N GLU A 113 -9.23 10.89 -6.32
CA GLU A 113 -10.26 11.52 -7.19
C GLU A 113 -9.80 11.44 -8.65
N THR A 114 -8.62 12.01 -8.93
CA THR A 114 -8.01 11.98 -10.28
C THR A 114 -8.12 10.55 -10.83
N GLN A 115 -7.84 9.53 -10.01
CA GLN A 115 -7.79 8.12 -10.49
C GLN A 115 -9.21 7.72 -10.85
N LEU A 116 -10.18 8.00 -10.00
CA LEU A 116 -11.61 7.64 -10.28
C LEU A 116 -12.04 8.38 -11.55
N ARG A 117 -11.55 9.59 -11.75
CA ARG A 117 -11.95 10.35 -12.96
C ARG A 117 -11.22 9.73 -14.16
N PHE A 118 -9.91 9.62 -14.08
CA PHE A 118 -9.14 8.89 -15.14
C PHE A 118 -9.90 7.63 -15.61
N MET A 119 -10.31 6.76 -14.67
CA MET A 119 -10.95 5.46 -15.04
C MET A 119 -12.24 5.75 -15.80
N THR A 120 -13.07 6.68 -15.29
CA THR A 120 -14.33 7.13 -15.95
C THR A 120 -14.02 7.72 -17.34
N GLU A 121 -12.92 8.46 -17.50
CA GLU A 121 -12.51 9.00 -18.84
C GLU A 121 -12.22 7.86 -19.85
N ASN A 122 -11.76 6.67 -19.45
CA ASN A 122 -11.54 5.56 -20.43
C ASN A 122 -12.63 4.49 -20.40
N GLY A 123 -13.85 4.84 -20.05
CA GLY A 123 -15.07 4.09 -20.45
C GLY A 123 -15.71 3.27 -19.35
N PHE A 124 -15.12 3.29 -18.15
CA PHE A 124 -15.74 2.76 -16.90
C PHE A 124 -16.85 3.72 -16.43
N SER A 125 -17.99 3.14 -16.05
CA SER A 125 -18.97 3.76 -15.14
C SER A 125 -18.19 4.09 -13.88
N LEU A 126 -18.65 5.06 -13.08
CA LEU A 126 -18.07 5.24 -11.74
C LEU A 126 -18.02 3.89 -10.99
N ARG A 127 -19.08 3.11 -11.07
CA ARG A 127 -19.32 1.93 -10.23
C ARG A 127 -18.16 0.96 -10.51
N ASP A 128 -18.01 0.64 -11.80
CA ASP A 128 -17.11 -0.41 -12.35
C ASP A 128 -15.67 0.06 -12.23
N GLY A 129 -15.40 1.35 -12.24
CA GLY A 129 -14.05 1.93 -12.03
C GLY A 129 -13.66 1.86 -10.55
N LEU A 130 -14.60 2.14 -9.64
CA LEU A 130 -14.30 2.00 -8.20
C LEU A 130 -14.06 0.50 -7.86
N TYR A 131 -14.77 -0.42 -8.49
CA TYR A 131 -14.58 -1.87 -8.26
C TYR A 131 -13.21 -2.30 -8.78
N ALA A 132 -12.78 -1.74 -9.89
CA ALA A 132 -11.48 -2.01 -10.50
C ALA A 132 -10.40 -1.54 -9.53
N ILE A 133 -10.44 -0.29 -9.12
CA ILE A 133 -9.46 0.30 -8.17
C ILE A 133 -9.50 -0.44 -6.82
N SER A 134 -10.68 -0.76 -6.27
CA SER A 134 -10.71 -1.41 -4.95
C SER A 134 -10.10 -2.82 -5.10
N ALA A 135 -10.36 -3.56 -6.18
CA ALA A 135 -9.83 -4.95 -6.39
C ALA A 135 -8.31 -4.89 -6.52
N VAL A 136 -7.76 -4.04 -7.36
CA VAL A 136 -6.28 -3.88 -7.46
C VAL A 136 -5.73 -3.67 -6.06
N SER A 137 -6.38 -2.76 -5.37
CA SER A 137 -5.91 -2.26 -4.08
C SER A 137 -5.99 -3.42 -3.07
N HIS A 138 -7.05 -4.23 -3.15
CA HIS A 138 -7.28 -5.28 -2.15
C HIS A 138 -6.33 -6.46 -2.44
N PHE A 139 -6.15 -6.76 -3.71
CA PHE A 139 -5.24 -7.79 -4.20
C PHE A 139 -3.84 -7.40 -3.71
N THR A 140 -3.41 -6.16 -3.95
CA THR A 140 -2.00 -5.74 -3.69
C THR A 140 -1.74 -5.73 -2.18
N LEU A 141 -2.64 -5.17 -1.41
CA LEU A 141 -2.50 -5.15 0.04
C LEU A 141 -2.37 -6.59 0.59
N GLY A 142 -3.22 -7.50 0.13
CA GLY A 142 -3.31 -8.87 0.65
C GLY A 142 -2.01 -9.63 0.40
N ALA A 143 -1.45 -9.53 -0.82
CA ALA A 143 -0.16 -10.13 -1.26
C ALA A 143 0.94 -9.50 -0.44
N VAL A 144 0.84 -8.20 -0.18
CA VAL A 144 1.99 -7.56 0.52
C VAL A 144 1.90 -7.97 1.99
N LEU A 145 0.71 -8.12 2.50
CA LEU A 145 0.62 -8.47 3.93
C LEU A 145 1.15 -9.88 4.09
N GLU A 146 0.98 -10.74 3.10
CA GLU A 146 1.33 -12.17 3.26
C GLU A 146 2.85 -12.25 3.22
N GLN A 147 3.46 -11.67 2.19
CA GLN A 147 4.92 -11.45 2.05
C GLN A 147 5.49 -11.03 3.40
N GLN A 148 4.95 -9.95 3.97
CA GLN A 148 5.42 -9.36 5.24
C GLN A 148 5.05 -10.27 6.41
N GLU A 149 3.85 -10.83 6.48
CA GLU A 149 3.34 -11.47 7.73
C GLU A 149 3.83 -12.91 7.88
N HIS A 150 4.46 -13.48 6.85
N HIS A 150 4.44 -13.46 6.83
CA HIS A 150 5.17 -14.78 6.99
CA HIS A 150 5.17 -14.75 6.89
C HIS A 150 6.46 -14.53 7.76
C HIS A 150 6.47 -14.53 7.69
N THR A 151 6.85 -13.26 7.93
CA THR A 151 8.02 -12.86 8.77
C THR A 151 7.73 -12.97 10.28
N ALA A 152 6.74 -12.23 10.80
N ASN A 164 7.22 -32.90 7.82
CA ASN A 164 7.30 -32.93 6.33
C ASN A 164 5.87 -32.87 5.75
N LEU A 165 5.73 -32.35 4.53
CA LEU A 165 4.46 -31.84 3.94
C LEU A 165 4.18 -32.53 2.61
N PRO A 166 2.92 -32.50 2.10
CA PRO A 166 2.58 -33.11 0.81
C PRO A 166 3.32 -32.43 -0.35
N PRO A 167 3.51 -33.15 -1.49
CA PRO A 167 4.43 -32.76 -2.56
C PRO A 167 4.13 -31.45 -3.29
N LEU A 168 2.98 -31.38 -3.96
CA LEU A 168 2.48 -30.14 -4.62
C LEU A 168 2.69 -28.93 -3.69
N LEU A 169 2.24 -29.09 -2.44
CA LEU A 169 2.32 -28.05 -1.40
C LEU A 169 3.80 -27.71 -1.20
N ARG A 170 4.63 -28.76 -1.04
CA ARG A 170 6.11 -28.68 -0.89
C ARG A 170 6.73 -27.93 -2.07
N GLU A 171 6.41 -28.36 -3.28
CA GLU A 171 6.92 -27.71 -4.50
C GLU A 171 6.32 -26.29 -4.63
N ALA A 172 5.02 -26.12 -4.37
CA ALA A 172 4.33 -24.81 -4.55
C ALA A 172 5.06 -23.75 -3.73
N LEU A 173 5.27 -24.07 -2.45
CA LEU A 173 5.91 -23.20 -1.42
C LEU A 173 7.36 -22.89 -1.82
N GLN A 174 8.18 -23.92 -1.97
CA GLN A 174 9.52 -23.82 -2.59
C GLN A 174 9.43 -22.79 -3.73
N ILE A 175 8.41 -22.86 -4.59
CA ILE A 175 8.33 -21.94 -5.76
C ILE A 175 7.94 -20.54 -5.26
N MET A 176 6.93 -20.39 -4.39
CA MET A 176 6.51 -19.05 -3.86
C MET A 176 7.75 -18.35 -3.25
N ASP A 177 8.63 -19.13 -2.60
CA ASP A 177 9.81 -18.64 -1.85
C ASP A 177 10.96 -18.23 -2.79
N SER A 178 11.10 -18.86 -3.98
CA SER A 178 12.12 -18.57 -5.02
C SER A 178 12.40 -17.08 -5.10
N ASP A 179 11.34 -16.28 -5.32
CA ASP A 179 11.43 -14.81 -5.30
C ASP A 179 10.59 -14.38 -4.10
N ASP A 180 10.42 -13.10 -3.93
CA ASP A 180 9.71 -12.46 -2.80
C ASP A 180 8.18 -12.76 -2.80
N GLY A 181 7.65 -13.42 -3.84
CA GLY A 181 6.22 -13.40 -4.15
C GLY A 181 5.89 -12.40 -5.25
N GLU A 182 6.92 -11.83 -5.92
CA GLU A 182 6.76 -10.85 -7.05
C GLU A 182 6.20 -11.54 -8.32
N GLN A 183 6.74 -12.70 -8.70
CA GLN A 183 6.16 -13.44 -9.86
C GLN A 183 4.66 -13.73 -9.61
N ALA A 184 4.28 -14.17 -8.41
CA ALA A 184 2.88 -14.55 -8.14
C ALA A 184 2.07 -13.26 -8.13
N PHE A 185 2.61 -12.17 -7.61
CA PHE A 185 1.93 -10.84 -7.58
C PHE A 185 1.70 -10.42 -9.04
N LEU A 186 2.74 -10.28 -9.85
CA LEU A 186 2.62 -9.74 -11.23
C LEU A 186 1.73 -10.63 -12.14
N HIS A 187 1.72 -11.95 -11.95
CA HIS A 187 0.83 -12.90 -12.68
C HIS A 187 -0.65 -12.61 -12.38
N GLY A 188 -1.05 -12.66 -11.10
CA GLY A 188 -2.41 -12.32 -10.63
C GLY A 188 -2.78 -10.91 -11.06
N LEU A 189 -1.83 -9.99 -11.07
CA LEU A 189 -2.10 -8.61 -11.50
C LEU A 189 -2.55 -8.61 -12.95
N GLU A 190 -1.89 -9.40 -13.81
CA GLU A 190 -2.25 -9.45 -15.25
C GLU A 190 -3.65 -10.10 -15.34
N SER A 191 -3.92 -11.16 -14.60
CA SER A 191 -5.28 -11.75 -14.68
C SER A 191 -6.34 -10.69 -14.33
N LEU A 192 -6.09 -9.87 -13.32
CA LEU A 192 -7.10 -8.96 -12.77
C LEU A 192 -7.40 -7.91 -13.84
N ILE A 193 -6.36 -7.29 -14.38
CA ILE A 193 -6.46 -6.24 -15.43
C ILE A 193 -7.24 -6.76 -16.65
N ARG A 194 -6.92 -7.99 -17.11
CA ARG A 194 -7.61 -8.60 -18.27
C ARG A 194 -9.09 -8.88 -17.93
N GLY A 195 -9.40 -9.50 -16.78
CA GLY A 195 -10.78 -9.66 -16.26
C GLY A 195 -11.56 -8.34 -16.37
N PHE A 196 -11.02 -7.25 -15.87
CA PHE A 196 -11.60 -5.89 -16.01
C PHE A 196 -11.80 -5.60 -17.48
N GLU A 197 -10.79 -5.81 -18.30
CA GLU A 197 -10.89 -5.46 -19.73
C GLU A 197 -12.05 -6.28 -20.32
N VAL A 198 -12.10 -7.59 -20.12
CA VAL A 198 -13.18 -8.42 -20.71
C VAL A 198 -14.57 -7.89 -20.28
N GLN A 199 -14.73 -7.41 -19.05
CA GLN A 199 -16.00 -6.85 -18.53
C GLN A 199 -16.34 -5.55 -19.28
N LEU A 200 -15.38 -4.63 -19.38
CA LEU A 200 -15.55 -3.24 -19.84
C LEU A 200 -15.97 -3.28 -21.31
N THR A 201 -15.23 -4.06 -22.08
CA THR A 201 -15.37 -4.36 -23.53
C THR A 201 -16.77 -4.84 -23.92
N ALA A 202 -17.28 -5.89 -23.28
CA ALA A 202 -18.61 -6.50 -23.55
C ALA A 202 -19.78 -5.48 -23.45
N LEU A 203 -19.72 -4.44 -22.63
CA LEU A 203 -20.87 -3.49 -22.46
C LEU A 203 -22.12 -4.23 -21.93
N LEU A 204 -23.24 -4.22 -22.67
CA LEU A 204 -24.56 -4.80 -22.29
C LEU A 204 -24.66 -6.28 -22.69
N GLN A 205 -23.68 -6.79 -23.44
CA GLN A 205 -23.68 -8.20 -23.92
C GLN A 205 -23.47 -9.16 -22.75
N ILE A 206 -23.95 -10.38 -22.91
CA ILE A 206 -23.74 -11.43 -21.89
C ILE A 206 -22.33 -11.96 -22.09
N VAL A 207 -21.54 -11.98 -21.01
CA VAL A 207 -20.10 -12.34 -21.09
C VAL A 207 -19.80 -13.33 -19.95
O8 MIY B . -1.85 6.66 -4.75
O8 MIY B . -2.04 6.65 -4.89
C21 MIY B . -2.67 6.37 -3.89
C21 MIY B . -2.76 6.36 -3.95
N2 MIY B . -2.81 7.23 -2.88
N2 MIY B . -2.81 7.13 -2.86
C2 MIY B . -3.50 5.15 -3.95
C2 MIY B . -3.59 5.16 -4.00
C1 MIY B . -4.32 4.79 -2.77
C1 MIY B . -4.36 4.77 -2.83
O1 MIY B . -4.61 5.60 -1.87
O1 MIY B . -4.62 5.57 -1.93
C3 MIY B . -3.58 4.38 -5.07
C3 MIY B . -3.67 4.40 -5.10
O2 MIY B . -2.63 4.39 -5.98
O2 MIY B . -2.74 4.51 -6.05
C4 MIY B . -4.75 3.48 -5.40
C4 MIY B . -4.81 3.43 -5.35
N1 MIY B . -4.30 2.29 -6.20
N1 MIY B . -4.25 2.26 -6.06
C20 MIY B . -5.33 1.48 -6.89
C20 MIY B . -5.30 1.44 -6.67
C19 MIY B . -3.44 1.39 -5.34
C19 MIY B . -3.45 1.46 -5.11
C5 MIY B . -5.56 3.17 -4.14
C5 MIY B . -5.58 3.04 -4.08
C18 MIY B . -4.83 3.37 -2.79
C18 MIY B . -4.84 3.35 -2.77
O7 MIY B . -3.74 2.48 -2.54
O7 MIY B . -3.72 2.48 -2.60
C17 MIY B . -5.75 3.12 -1.65
C17 MIY B . -5.73 3.21 -1.57
O6 MIY B . -5.19 3.08 -0.44
O6 MIY B . -5.13 2.97 -0.41
C16 MIY B . -7.06 2.94 -1.85
C16 MIY B . -7.06 3.32 -1.61
C7 MIY B . -7.76 3.31 -3.13
C7 MIY B . -7.82 3.31 -2.91
C6 MIY B . -6.82 4.06 -4.07
C6 MIY B . -6.91 3.77 -4.05
C15 MIY B . -7.88 2.34 -0.81
C15 MIY B . -7.79 3.46 -0.33
O5 MIY B . -7.40 2.00 0.26
O5 MIY B . -7.18 3.50 0.71
C14 MIY B . -9.29 2.00 -1.21
C14 MIY B . -9.29 3.50 -0.34
C9 MIY B . -9.90 2.88 -2.24
C9 MIY B . -9.88 3.92 -1.62
C8 MIY B . -9.07 4.03 -2.77
C8 MIY B . -9.02 4.25 -2.82
C13 MIY B . -10.05 0.86 -0.70
C13 MIY B . -10.21 3.16 0.78
O4 MIY B . -9.52 0.01 0.22
O4 MIY B . -9.75 2.76 2.00
C12 MIY B . -11.33 0.62 -1.17
C12 MIY B . -11.59 3.26 0.61
C11 MIY B . -11.93 1.45 -2.13
C11 MIY B . -12.15 3.66 -0.61
C10 MIY B . -11.29 2.57 -2.68
C10 MIY B . -11.35 3.98 -1.71
N7 MIY B . -11.88 3.41 -3.65
N7 MIY B . -11.89 4.36 -2.94
CN7 MIY B . -12.47 4.63 -3.02
CN7 MIY B . -13.16 5.03 -2.75
C71 MIY B . -12.78 2.69 -4.59
C71 MIY B . -12.02 3.16 -3.80
MG MG C . -5.71 2.11 1.15
CL CL D . 11.95 21.28 17.75
CL CL E . 2.07 3.75 22.38
CL CL F . 8.20 19.60 8.99
CL CL G . 18.97 18.76 16.99
#